data_9DNV
#
_entry.id   9DNV
#
_cell.length_a   113.162
_cell.length_b   113.162
_cell.length_c   221.321
_cell.angle_alpha   90.000
_cell.angle_beta   90.000
_cell.angle_gamma   90.000
#
_symmetry.space_group_name_H-M   'I 41 2 2'
#
loop_
_entity.id
_entity.type
_entity.pdbx_description
1 polymer 'Papain-like protease nsp3'
2 non-polymer 2-methyl-5-[(1R,4S)-5-methyl-2,5-diazabicyclo[2.2.1]heptan-2-yl]-N-{(1R)-1-[(2P)-2-(1-methyl-1H-pyrazol-4-yl)quinolin-4-yl]ethyl}benzamide
3 non-polymer 'ACETIC ACID'
4 non-polymer 'ZINC ION'
5 non-polymer 'CHLORIDE ION'
6 water water
#
_entity_poly.entity_id   1
_entity_poly.type   'polypeptide(L)'
_entity_poly.pdbx_seq_one_letter_code
;SNAEVRTIKVFTTVDNINLHTQVVDMSMTYGQQFGPTYLDGADVTKIKPHNSHEGKTFYVLPNDDTLRVEAFEYYHTTDP
SFLGRYMSALNHTKKWKYPQVNGLTSIKWADNNCYLATALLTLQQIELKFNPPALQDAYYRARAGEAANFCALILAYCNK
TVGELGDVRETMSYLFQHANLDSCKRVLNVVCKTCGQQQTTLKGVEAVMYMGTLSYEQFKKGVQIPCTCGKQATKYLVQQ
ESPFVMMSAPPAQYELKHGTFTCASEYTGNYQCGHYKHITSKETLYCIDGALLTKSSEYKGPITDVFYKENSYTTTIK
;
_entity_poly.pdbx_strand_id   A
#
# COMPACT_ATOMS: atom_id res chain seq x y z
N THR A 7 4.99 41.33 8.41
CA THR A 7 5.96 40.32 8.05
C THR A 7 5.97 39.19 9.07
N ILE A 8 6.52 38.03 8.68
CA ILE A 8 6.57 36.87 9.57
C ILE A 8 7.67 35.92 9.12
N LYS A 9 8.48 35.45 10.07
CA LYS A 9 9.48 34.45 9.76
C LYS A 9 8.81 33.09 9.54
N VAL A 10 9.31 32.35 8.55
CA VAL A 10 8.65 31.15 8.05
C VAL A 10 9.70 30.10 7.69
N PHE A 11 9.37 28.84 7.96
CA PHE A 11 10.19 27.71 7.54
C PHE A 11 9.49 27.02 6.37
N THR A 12 10.20 26.87 5.26
CA THR A 12 9.72 26.08 4.13
C THR A 12 10.41 24.73 4.12
N THR A 13 9.73 23.73 3.56
CA THR A 13 10.30 22.40 3.54
C THR A 13 9.64 21.57 2.44
N VAL A 14 10.37 20.54 2.02
N VAL A 14 10.35 20.53 2.01
CA VAL A 14 9.86 19.56 1.08
CA VAL A 14 9.80 19.55 1.10
C VAL A 14 9.71 18.17 1.72
C VAL A 14 9.65 18.18 1.77
N ASP A 15 10.42 17.90 2.82
CA ASP A 15 10.40 16.60 3.46
C ASP A 15 10.10 16.65 4.96
N ASN A 16 9.94 17.85 5.53
CA ASN A 16 9.82 18.05 6.98
C ASN A 16 11.04 17.56 7.73
N ILE A 17 12.18 17.43 7.04
CA ILE A 17 13.45 17.08 7.66
C ILE A 17 14.36 18.29 7.58
N ASN A 18 14.78 18.63 6.36
CA ASN A 18 15.59 19.82 6.13
C ASN A 18 14.66 21.04 6.10
N LEU A 19 14.90 21.97 7.01
CA LEU A 19 14.09 23.19 7.12
C LEU A 19 14.91 24.38 6.64
N HIS A 20 14.33 25.17 5.75
CA HIS A 20 14.98 26.33 5.17
C HIS A 20 14.29 27.60 5.66
N THR A 21 15.05 28.48 6.29
CA THR A 21 14.48 29.68 6.90
C THR A 21 14.14 30.72 5.83
N GLN A 22 12.94 31.27 5.91
CA GLN A 22 12.49 32.29 4.97
C GLN A 22 11.77 33.39 5.75
N VAL A 23 11.63 34.55 5.12
CA VAL A 23 10.89 35.67 5.68
C VAL A 23 9.93 36.20 4.62
N VAL A 24 8.68 36.41 5.00
CA VAL A 24 7.65 36.85 4.07
C VAL A 24 7.07 38.17 4.56
N ASP A 25 6.44 38.88 3.63
CA ASP A 25 5.65 40.06 3.92
C ASP A 25 4.17 39.70 3.77
N MET A 26 3.34 40.17 4.72
CA MET A 26 1.91 39.77 4.75
C MET A 26 1.08 40.46 3.66
N SER A 27 1.68 41.34 2.87
CA SER A 27 0.91 41.96 1.78
C SER A 27 0.77 41.04 0.58
N MET A 28 1.61 40.00 0.53
CA MET A 28 1.64 39.11 -0.65
C MET A 28 1.25 37.70 -0.22
N THR A 29 0.37 37.04 -0.98
CA THR A 29 0.00 35.68 -0.67
C THR A 29 1.21 34.75 -0.80
N TYR A 30 1.12 33.58 -0.17
CA TYR A 30 2.26 32.66 -0.13
C TYR A 30 2.67 32.21 -1.52
N GLY A 31 1.73 32.18 -2.47
CA GLY A 31 2.08 31.79 -3.82
C GLY A 31 2.92 32.81 -4.54
N GLN A 32 2.78 34.10 -4.19
CA GLN A 32 3.54 35.15 -4.85
C GLN A 32 5.02 35.11 -4.47
N GLN A 33 5.38 34.40 -3.41
CA GLN A 33 6.74 34.39 -2.91
C GLN A 33 7.36 33.00 -2.81
N PHE A 34 6.55 31.94 -2.68
CA PHE A 34 7.06 30.58 -2.56
C PHE A 34 6.59 29.65 -3.66
N GLY A 35 5.64 30.07 -4.50
CA GLY A 35 4.96 29.16 -5.39
C GLY A 35 3.87 28.43 -4.63
N PRO A 36 3.46 27.25 -5.12
CA PRO A 36 2.44 26.47 -4.42
C PRO A 36 2.88 26.13 -3.00
N THR A 37 2.12 26.61 -2.02
CA THR A 37 2.43 26.44 -0.61
C THR A 37 1.27 25.75 0.09
N TYR A 38 1.60 24.92 1.08
CA TYR A 38 0.60 24.14 1.80
C TYR A 38 0.87 24.19 3.29
N LEU A 39 -0.21 24.08 4.07
CA LEU A 39 -0.12 24.03 5.53
C LEU A 39 -1.05 22.94 6.02
N ASP A 40 -0.47 21.87 6.57
CA ASP A 40 -1.23 20.72 7.10
C ASP A 40 -2.18 20.15 6.05
N GLY A 41 -1.78 20.20 4.78
CA GLY A 41 -2.59 19.69 3.70
C GLY A 41 -3.53 20.69 3.06
N ALA A 42 -3.60 21.91 3.57
CA ALA A 42 -4.48 22.94 3.03
C ALA A 42 -3.68 23.84 2.09
N ASP A 43 -4.24 24.08 0.91
CA ASP A 43 -3.60 24.90 -0.11
C ASP A 43 -3.63 26.36 0.31
N VAL A 44 -2.52 26.85 0.87
CA VAL A 44 -2.44 28.21 1.36
C VAL A 44 -1.73 29.08 0.35
N THR A 45 -1.80 28.70 -0.93
CA THR A 45 -1.11 29.44 -1.98
C THR A 45 -1.73 30.82 -2.16
N LYS A 46 -3.03 30.88 -2.44
CA LYS A 46 -3.74 32.14 -2.62
C LYS A 46 -4.20 32.76 -1.30
N ILE A 47 -3.50 32.47 -0.20
CA ILE A 47 -3.85 32.98 1.12
C ILE A 47 -2.70 33.84 1.61
N LYS A 48 -3.02 35.05 2.07
CA LYS A 48 -2.00 35.93 2.61
C LYS A 48 -1.56 35.45 3.99
N PRO A 49 -0.33 35.77 4.39
CA PRO A 49 0.16 35.32 5.69
C PRO A 49 -0.70 35.88 6.83
N HIS A 50 -0.95 35.03 7.83
CA HIS A 50 -1.68 35.41 9.02
C HIS A 50 -0.75 35.42 10.23
N ASN A 51 -1.25 35.96 11.33
CA ASN A 51 -0.42 36.11 12.53
C ASN A 51 -0.08 34.78 13.15
N SER A 52 -0.97 33.78 13.04
CA SER A 52 -0.68 32.45 13.56
C SER A 52 0.24 31.66 12.65
N HIS A 53 0.50 32.12 11.43
CA HIS A 53 1.39 31.43 10.51
C HIS A 53 2.87 31.72 10.79
N GLU A 54 3.18 32.51 11.81
CA GLU A 54 4.57 32.79 12.16
C GLU A 54 5.20 31.57 12.82
N GLY A 55 6.40 31.21 12.37
CA GLY A 55 7.15 30.12 12.94
C GLY A 55 6.78 28.74 12.42
N LYS A 56 5.58 28.56 11.86
CA LYS A 56 5.16 27.27 11.36
C LYS A 56 6.02 26.84 10.17
N THR A 57 5.89 25.57 9.80
CA THR A 57 6.59 25.00 8.66
C THR A 57 5.58 24.68 7.56
N PHE A 58 5.87 25.12 6.34
CA PHE A 58 5.00 24.92 5.20
C PHE A 58 5.68 24.02 4.18
N TYR A 59 4.86 23.26 3.45
CA TYR A 59 5.33 22.48 2.32
C TYR A 59 5.25 23.34 1.07
N VAL A 60 6.33 23.34 0.29
CA VAL A 60 6.39 24.10 -0.95
C VAL A 60 6.81 23.17 -2.08
N LEU A 61 6.29 23.46 -3.27
CA LEU A 61 6.76 22.77 -4.45
C LEU A 61 8.22 23.14 -4.71
N PRO A 62 9.08 22.16 -5.01
CA PRO A 62 10.49 22.46 -5.26
C PRO A 62 10.66 23.43 -6.43
N ASN A 63 11.34 24.55 -6.15
CA ASN A 63 11.61 25.55 -7.16
C ASN A 63 13.10 25.84 -7.35
N ASP A 64 13.98 25.29 -6.52
CA ASP A 64 15.41 25.31 -6.77
C ASP A 64 15.93 23.88 -6.77
N ASP A 65 17.22 23.73 -7.10
CA ASP A 65 17.79 22.39 -7.21
C ASP A 65 17.92 21.72 -5.85
N THR A 66 18.18 22.50 -4.80
CA THR A 66 18.31 21.92 -3.47
C THR A 66 17.02 21.25 -3.02
N LEU A 67 15.87 21.89 -3.30
CA LEU A 67 14.59 21.29 -2.94
C LEU A 67 14.27 20.09 -3.82
N ARG A 68 14.59 20.18 -5.11
CA ARG A 68 14.35 19.05 -6.01
C ARG A 68 15.10 17.81 -5.57
N VAL A 69 16.37 17.97 -5.17
CA VAL A 69 17.16 16.84 -4.71
C VAL A 69 16.62 16.31 -3.38
N GLU A 70 16.30 17.21 -2.45
CA GLU A 70 15.69 16.79 -1.20
C GLU A 70 14.33 16.14 -1.42
N ALA A 71 13.61 16.58 -2.45
CA ALA A 71 12.32 15.97 -2.76
C ALA A 71 12.49 14.51 -3.18
N PHE A 72 13.44 14.25 -4.10
CA PHE A 72 13.63 12.88 -4.56
C PHE A 72 14.14 11.99 -3.44
N GLU A 73 15.16 12.44 -2.71
CA GLU A 73 15.77 11.59 -1.69
C GLU A 73 14.78 11.18 -0.62
N TYR A 74 13.72 11.96 -0.41
CA TYR A 74 12.70 11.59 0.56
C TYR A 74 11.56 10.79 -0.06
N TYR A 75 11.12 11.17 -1.26
CA TYR A 75 9.96 10.54 -1.88
C TYR A 75 10.31 9.60 -3.02
N HIS A 76 11.54 9.67 -3.55
CA HIS A 76 11.95 8.84 -4.70
C HIS A 76 11.05 9.07 -5.90
N THR A 77 10.71 10.34 -6.14
CA THR A 77 9.96 10.73 -7.32
C THR A 77 10.33 12.15 -7.70
N THR A 78 10.28 12.42 -9.01
CA THR A 78 10.44 13.77 -9.53
C THR A 78 9.15 14.33 -10.10
N ASP A 79 8.05 13.57 -10.02
CA ASP A 79 6.73 13.97 -10.47
C ASP A 79 6.34 15.30 -9.84
N PRO A 80 6.19 16.36 -10.64
CA PRO A 80 5.85 17.67 -10.04
C PRO A 80 4.47 17.72 -9.44
N SER A 81 3.60 16.78 -9.75
CA SER A 81 2.25 16.76 -9.21
C SER A 81 2.13 15.92 -7.94
N PHE A 82 3.22 15.28 -7.51
CA PHE A 82 3.12 14.35 -6.38
C PHE A 82 2.74 15.07 -5.10
N LEU A 83 3.42 16.18 -4.79
CA LEU A 83 3.13 16.91 -3.56
C LEU A 83 1.68 17.37 -3.51
N GLY A 84 1.19 17.92 -4.62
CA GLY A 84 -0.19 18.38 -4.65
C GLY A 84 -1.18 17.25 -4.42
N ARG A 85 -0.98 16.13 -5.11
CA ARG A 85 -1.85 14.97 -4.89
C ARG A 85 -1.69 14.43 -3.47
N TYR A 86 -0.48 14.44 -2.94
CA TYR A 86 -0.24 14.00 -1.56
C TYR A 86 -0.95 14.92 -0.58
N MET A 87 -0.77 16.23 -0.72
CA MET A 87 -1.42 17.18 0.19
C MET A 87 -2.94 17.11 0.08
N SER A 88 -3.46 16.86 -1.12
CA SER A 88 -4.91 16.82 -1.30
C SER A 88 -5.53 15.62 -0.60
N ALA A 89 -4.83 14.48 -0.59
CA ALA A 89 -5.34 13.32 0.12
C ALA A 89 -5.21 13.49 1.62
N LEU A 90 -4.08 14.06 2.08
CA LEU A 90 -3.88 14.27 3.50
C LEU A 90 -4.98 15.14 4.11
N ASN A 91 -5.55 16.06 3.32
CA ASN A 91 -6.62 16.90 3.82
C ASN A 91 -7.83 16.07 4.25
N HIS A 92 -8.04 14.92 3.63
CA HIS A 92 -9.11 14.01 4.03
C HIS A 92 -8.64 13.00 5.07
N THR A 93 -7.51 12.35 4.82
CA THR A 93 -7.06 11.26 5.69
C THR A 93 -6.81 11.75 7.11
N LYS A 94 -6.41 13.01 7.29
CA LYS A 94 -6.21 13.53 8.64
C LYS A 94 -7.52 13.67 9.39
N LYS A 95 -8.66 13.64 8.69
CA LYS A 95 -9.96 13.70 9.34
C LYS A 95 -10.59 12.33 9.56
N TRP A 96 -10.00 11.28 9.01
CA TRP A 96 -10.50 9.93 9.26
C TRP A 96 -10.15 9.49 10.68
N LYS A 97 -10.88 8.48 11.16
CA LYS A 97 -10.64 7.89 12.47
C LYS A 97 -9.92 6.56 12.28
N TYR A 98 -8.87 6.34 13.08
CA TYR A 98 -8.02 5.17 12.97
C TYR A 98 -8.04 4.40 14.28
N PRO A 99 -9.09 3.63 14.53
CA PRO A 99 -9.21 2.90 15.79
C PRO A 99 -8.33 1.66 15.82
N GLN A 100 -7.91 1.29 17.03
CA GLN A 100 -7.15 0.06 17.23
C GLN A 100 -8.13 -1.10 17.35
N VAL A 101 -7.95 -2.10 16.49
CA VAL A 101 -8.83 -3.27 16.43
C VAL A 101 -7.95 -4.51 16.49
N ASN A 102 -8.06 -5.28 17.58
CA ASN A 102 -7.33 -6.53 17.75
C ASN A 102 -5.83 -6.31 17.64
N GLY A 103 -5.35 -5.23 18.25
CA GLY A 103 -3.94 -4.88 18.21
C GLY A 103 -3.47 -4.25 16.90
N LEU A 104 -4.35 -4.12 15.92
CA LEU A 104 -4.00 -3.58 14.62
C LEU A 104 -4.68 -2.24 14.40
N THR A 105 -4.02 -1.37 13.64
CA THR A 105 -4.58 -0.07 13.30
C THR A 105 -5.47 -0.20 12.08
N SER A 106 -6.75 0.13 12.24
CA SER A 106 -7.72 0.09 11.15
C SER A 106 -8.18 1.50 10.82
N ILE A 107 -9.21 1.60 9.98
CA ILE A 107 -9.78 2.89 9.59
C ILE A 107 -11.29 2.80 9.66
N LYS A 108 -11.92 3.78 10.30
CA LYS A 108 -13.37 3.91 10.24
C LYS A 108 -13.80 4.24 8.81
N TRP A 109 -14.99 3.78 8.45
N TRP A 109 -14.98 3.77 8.44
CA TRP A 109 -15.49 3.92 7.10
CA TRP A 109 -15.40 3.88 7.05
C TRP A 109 -15.63 5.39 6.72
C TRP A 109 -15.67 5.33 6.67
N ALA A 110 -15.14 5.75 5.53
CA ALA A 110 -15.29 7.09 4.99
C ALA A 110 -14.68 7.13 3.59
N ASP A 111 -15.38 7.79 2.66
CA ASP A 111 -14.83 8.10 1.34
C ASP A 111 -14.34 6.84 0.61
N ASN A 112 -15.08 5.74 0.77
CA ASN A 112 -14.79 4.47 0.08
C ASN A 112 -13.39 3.94 0.43
N ASN A 113 -12.99 4.06 1.69
CA ASN A 113 -11.65 3.70 2.10
C ASN A 113 -11.52 2.25 2.57
N CYS A 114 -12.51 1.40 2.25
CA CYS A 114 -12.46 0.04 2.74
C CYS A 114 -11.25 -0.72 2.19
N TYR A 115 -10.91 -0.46 0.92
CA TYR A 115 -9.73 -1.11 0.34
C TYR A 115 -8.44 -0.57 0.96
N LEU A 116 -8.45 0.68 1.42
CA LEU A 116 -7.27 1.23 2.10
C LEU A 116 -7.09 0.61 3.48
N ALA A 117 -8.19 0.43 4.21
CA ALA A 117 -8.11 -0.20 5.52
C ALA A 117 -7.61 -1.64 5.40
N THR A 118 -8.09 -2.38 4.40
CA THR A 118 -7.65 -3.76 4.21
C THR A 118 -6.17 -3.82 3.90
N ALA A 119 -5.68 -2.94 3.04
CA ALA A 119 -4.25 -2.89 2.76
C ALA A 119 -3.46 -2.47 4.00
N LEU A 120 -3.98 -1.50 4.74
CA LEU A 120 -3.30 -1.06 5.96
C LEU A 120 -3.18 -2.18 6.97
N LEU A 121 -4.27 -2.93 7.19
CA LEU A 121 -4.23 -4.04 8.13
C LEU A 121 -3.29 -5.14 7.64
N THR A 122 -3.26 -5.37 6.33
CA THR A 122 -2.38 -6.40 5.78
C THR A 122 -0.92 -6.02 5.94
N LEU A 123 -0.58 -4.75 5.74
CA LEU A 123 0.81 -4.32 5.83
C LEU A 123 1.37 -4.49 7.24
N GLN A 124 0.52 -4.46 8.26
CA GLN A 124 0.95 -4.66 9.64
C GLN A 124 1.19 -6.12 9.97
N GLN A 125 1.02 -7.04 9.01
CA GLN A 125 1.18 -8.46 9.27
C GLN A 125 2.16 -9.14 8.32
N ILE A 126 2.77 -8.40 7.39
CA ILE A 126 3.80 -8.95 6.52
C ILE A 126 5.05 -8.10 6.64
N GLU A 127 6.16 -8.65 6.17
CA GLU A 127 7.48 -8.03 6.32
C GLU A 127 7.80 -7.27 5.03
N LEU A 128 7.90 -5.93 5.15
CA LEU A 128 8.19 -5.08 4.01
C LEU A 128 9.13 -3.96 4.42
N LYS A 129 10.13 -3.69 3.59
CA LYS A 129 11.03 -2.56 3.74
C LYS A 129 10.78 -1.61 2.57
N PHE A 130 10.23 -0.44 2.86
CA PHE A 130 9.93 0.54 1.83
C PHE A 130 11.18 1.32 1.45
N ASN A 131 11.35 1.54 0.14
CA ASN A 131 12.53 2.27 -0.34
C ASN A 131 12.43 3.76 -0.06
N PRO A 132 11.36 4.47 -0.41
CA PRO A 132 11.30 5.91 -0.11
C PRO A 132 11.28 6.15 1.38
N PRO A 133 12.19 6.97 1.90
CA PRO A 133 12.16 7.29 3.33
C PRO A 133 10.83 7.87 3.79
N ALA A 134 10.12 8.58 2.92
CA ALA A 134 8.79 9.08 3.26
C ALA A 134 7.83 7.93 3.53
N LEU A 135 7.88 6.88 2.71
CA LEU A 135 7.00 5.74 2.92
C LEU A 135 7.36 4.99 4.20
N GLN A 136 8.66 4.80 4.45
CA GLN A 136 9.07 4.03 5.62
C GLN A 136 8.76 4.75 6.92
N ASP A 137 9.01 6.07 6.96
CA ASP A 137 8.73 6.84 8.17
C ASP A 137 7.24 6.83 8.50
N ALA A 138 6.39 7.09 7.50
CA ALA A 138 4.95 7.03 7.73
C ALA A 138 4.48 5.63 8.05
N TYR A 139 5.12 4.61 7.45
CA TYR A 139 4.83 3.22 7.79
C TYR A 139 5.03 2.98 9.29
N TYR A 140 6.18 3.40 9.81
CA TYR A 140 6.46 3.24 11.24
C TYR A 140 5.43 3.97 12.08
N ARG A 141 5.13 5.23 11.75
N ARG A 141 5.14 5.23 11.74
CA ARG A 141 4.16 5.99 12.53
CA ARG A 141 4.16 6.00 12.50
C ARG A 141 2.74 5.46 12.37
C ARG A 141 2.77 5.37 12.41
N ALA A 142 2.45 4.76 11.27
CA ALA A 142 1.14 4.13 11.12
C ALA A 142 1.01 2.91 12.00
N ARG A 143 2.07 2.10 12.08
CA ARG A 143 2.06 0.94 12.97
C ARG A 143 1.92 1.33 14.43
N ALA A 144 2.20 2.59 14.78
CA ALA A 144 2.05 3.10 16.13
C ALA A 144 0.75 3.83 16.35
N GLY A 145 -0.13 3.90 15.34
CA GLY A 145 -1.45 4.48 15.47
C GLY A 145 -1.69 5.72 14.64
N GLU A 146 -0.64 6.44 14.25
CA GLU A 146 -0.77 7.66 13.46
C GLU A 146 -0.64 7.28 11.99
N ALA A 147 -1.77 6.95 11.36
CA ALA A 147 -1.78 6.40 10.02
C ALA A 147 -2.32 7.36 8.97
N ALA A 148 -2.58 8.61 9.33
CA ALA A 148 -3.16 9.55 8.36
C ALA A 148 -2.17 9.87 7.24
N ASN A 149 -0.91 10.15 7.60
CA ASN A 149 0.10 10.46 6.58
C ASN A 149 0.41 9.25 5.72
N PHE A 150 0.39 8.04 6.31
CA PHE A 150 0.67 6.84 5.54
C PHE A 150 -0.42 6.58 4.51
N CYS A 151 -1.69 6.75 4.91
CA CYS A 151 -2.80 6.54 3.97
C CYS A 151 -2.77 7.57 2.85
N ALA A 152 -2.41 8.82 3.16
CA ALA A 152 -2.29 9.84 2.12
C ALA A 152 -1.18 9.48 1.13
N LEU A 153 -0.05 8.97 1.64
CA LEU A 153 1.04 8.59 0.76
C LEU A 153 0.67 7.41 -0.12
N ILE A 154 -0.10 6.46 0.41
CA ILE A 154 -0.54 5.33 -0.39
C ILE A 154 -1.37 5.81 -1.58
N LEU A 155 -2.30 6.73 -1.32
CA LEU A 155 -3.13 7.28 -2.40
C LEU A 155 -2.28 7.98 -3.44
N ALA A 156 -1.31 8.79 -3.00
CA ALA A 156 -0.48 9.53 -3.93
C ALA A 156 0.42 8.61 -4.74
N TYR A 157 1.03 7.61 -4.09
CA TYR A 157 1.91 6.70 -4.82
C TYR A 157 1.13 5.80 -5.78
N CYS A 158 -0.14 5.56 -5.50
CA CYS A 158 -0.97 4.72 -6.36
C CYS A 158 -1.75 5.51 -7.40
N ASN A 159 -1.54 6.83 -7.48
CA ASN A 159 -2.25 7.69 -8.42
C ASN A 159 -3.77 7.54 -8.26
N LYS A 160 -4.22 7.49 -7.02
CA LYS A 160 -5.64 7.41 -6.70
C LYS A 160 -6.03 8.60 -5.84
N THR A 161 -7.26 9.05 -6.00
CA THR A 161 -7.79 10.16 -5.22
C THR A 161 -8.78 9.64 -4.18
N VAL A 162 -8.99 10.47 -3.16
CA VAL A 162 -9.96 10.13 -2.12
C VAL A 162 -11.33 9.98 -2.75
N GLY A 163 -12.00 8.88 -2.45
CA GLY A 163 -13.31 8.57 -2.97
C GLY A 163 -13.29 7.58 -4.14
N GLU A 164 -12.18 7.53 -4.89
CA GLU A 164 -12.08 6.62 -6.01
C GLU A 164 -12.14 5.18 -5.53
N LEU A 165 -12.72 4.31 -6.36
CA LEU A 165 -12.86 2.90 -6.03
C LEU A 165 -11.53 2.19 -6.25
N GLY A 166 -11.05 1.50 -5.23
CA GLY A 166 -9.71 0.91 -5.23
C GLY A 166 -9.73 -0.60 -5.07
N ASP A 167 -8.81 -1.25 -5.77
CA ASP A 167 -8.62 -2.70 -5.69
C ASP A 167 -7.43 -2.99 -4.78
N VAL A 168 -7.62 -3.89 -3.81
CA VAL A 168 -6.58 -4.14 -2.82
C VAL A 168 -5.36 -4.77 -3.47
N ARG A 169 -5.58 -5.77 -4.34
CA ARG A 169 -4.46 -6.44 -4.99
C ARG A 169 -3.62 -5.47 -5.81
N GLU A 170 -4.28 -4.55 -6.51
CA GLU A 170 -3.54 -3.53 -7.26
C GLU A 170 -2.81 -2.59 -6.34
N THR A 171 -3.40 -2.25 -5.19
CA THR A 171 -2.75 -1.34 -4.25
C THR A 171 -1.52 -1.98 -3.64
N MET A 172 -1.61 -3.27 -3.26
CA MET A 172 -0.44 -3.96 -2.73
C MET A 172 0.66 -4.07 -3.77
N SER A 173 0.29 -4.29 -5.04
CA SER A 173 1.27 -4.42 -6.09
C SER A 173 2.06 -3.12 -6.28
N TYR A 174 1.35 -1.99 -6.32
CA TYR A 174 2.03 -0.70 -6.45
C TYR A 174 2.93 -0.44 -5.25
N LEU A 175 2.48 -0.82 -4.06
CA LEU A 175 3.31 -0.64 -2.87
C LEU A 175 4.51 -1.58 -2.86
N PHE A 176 4.35 -2.79 -3.41
CA PHE A 176 5.47 -3.72 -3.50
C PHE A 176 6.57 -3.17 -4.39
N GLN A 177 6.20 -2.50 -5.48
CA GLN A 177 7.17 -1.94 -6.40
C GLN A 177 8.00 -0.82 -5.78
N HIS A 178 7.54 -0.26 -4.66
CA HIS A 178 8.29 0.74 -3.92
C HIS A 178 8.95 0.15 -2.67
N ALA A 179 9.08 -1.17 -2.61
CA ALA A 179 9.71 -1.86 -1.50
C ALA A 179 10.90 -2.68 -1.99
N ASN A 180 11.73 -3.11 -1.04
CA ASN A 180 12.93 -3.88 -1.34
C ASN A 180 12.54 -5.36 -1.40
N LEU A 181 12.40 -5.89 -2.62
CA LEU A 181 12.10 -7.30 -2.83
C LEU A 181 13.11 -7.93 -3.78
N ASP A 182 14.35 -7.41 -3.80
CA ASP A 182 15.36 -7.97 -4.69
C ASP A 182 15.71 -9.41 -4.31
N SER A 183 15.81 -9.69 -3.01
CA SER A 183 16.11 -11.05 -2.56
C SER A 183 14.98 -12.03 -2.83
N CYS A 184 13.83 -11.56 -3.30
CA CYS A 184 12.71 -12.44 -3.57
C CYS A 184 12.90 -13.15 -4.91
N LYS A 185 12.76 -14.47 -4.90
CA LYS A 185 13.00 -15.29 -6.08
C LYS A 185 11.94 -16.39 -6.17
N ARG A 186 11.44 -16.62 -7.37
CA ARG A 186 10.51 -17.70 -7.65
C ARG A 186 10.95 -18.44 -8.90
N VAL A 187 11.13 -19.75 -8.78
CA VAL A 187 11.51 -20.61 -9.90
C VAL A 187 10.31 -21.46 -10.25
N LEU A 188 9.87 -21.38 -11.50
CA LEU A 188 8.74 -22.13 -12.00
C LEU A 188 9.21 -23.18 -13.02
N ASN A 189 8.30 -24.08 -13.38
CA ASN A 189 8.59 -25.10 -14.37
C ASN A 189 7.30 -25.43 -15.11
N VAL A 190 7.31 -25.24 -16.42
CA VAL A 190 6.15 -25.51 -17.26
C VAL A 190 6.42 -26.80 -18.04
N VAL A 191 5.50 -27.76 -17.94
CA VAL A 191 5.65 -29.07 -18.57
C VAL A 191 4.52 -29.22 -19.58
N CYS A 192 4.87 -29.21 -20.86
CA CYS A 192 3.93 -29.41 -21.95
C CYS A 192 4.12 -30.81 -22.54
N LYS A 193 3.00 -31.41 -22.97
CA LYS A 193 3.05 -32.76 -23.49
C LYS A 193 3.84 -32.85 -24.80
N THR A 194 3.84 -31.77 -25.58
CA THR A 194 4.54 -31.75 -26.87
C THR A 194 5.83 -30.94 -26.82
N CYS A 195 5.78 -29.73 -26.27
CA CYS A 195 6.96 -28.86 -26.26
C CYS A 195 8.02 -29.35 -25.27
N GLY A 196 7.65 -30.14 -24.27
CA GLY A 196 8.60 -30.60 -23.28
C GLY A 196 8.46 -29.88 -21.96
N GLN A 197 9.58 -29.60 -21.29
CA GLN A 197 9.58 -28.86 -20.04
C GLN A 197 10.53 -27.67 -20.16
N GLN A 198 10.16 -26.57 -19.51
CA GLN A 198 10.97 -25.36 -19.52
C GLN A 198 10.78 -24.64 -18.19
N GLN A 199 11.87 -24.12 -17.64
CA GLN A 199 11.88 -23.49 -16.33
C GLN A 199 12.26 -22.02 -16.45
N THR A 200 11.52 -21.17 -15.73
CA THR A 200 11.79 -19.74 -15.70
C THR A 200 11.93 -19.28 -14.25
N THR A 201 12.68 -18.20 -14.04
CA THR A 201 12.94 -17.66 -12.73
C THR A 201 12.39 -16.23 -12.65
N LEU A 202 11.66 -15.94 -11.59
CA LEU A 202 11.06 -14.63 -11.37
C LEU A 202 11.73 -13.95 -10.17
N LYS A 203 11.98 -12.66 -10.30
CA LYS A 203 12.58 -11.86 -9.25
C LYS A 203 11.66 -10.70 -8.89
N GLY A 204 11.81 -10.20 -7.66
CA GLY A 204 11.10 -9.02 -7.22
C GLY A 204 9.62 -9.18 -6.99
N VAL A 205 8.86 -8.14 -7.35
CA VAL A 205 7.42 -8.12 -7.09
C VAL A 205 6.71 -9.26 -7.82
N GLU A 206 7.17 -9.61 -9.02
CA GLU A 206 6.55 -10.71 -9.77
CA GLU A 206 6.55 -10.71 -9.77
C GLU A 206 6.73 -12.04 -9.06
N ALA A 207 7.66 -12.16 -8.12
CA ALA A 207 7.92 -13.42 -7.44
C ALA A 207 7.04 -13.65 -6.23
N VAL A 208 6.36 -12.63 -5.72
CA VAL A 208 5.56 -12.75 -4.51
C VAL A 208 4.07 -12.64 -4.77
N MET A 209 3.65 -12.50 -6.02
CA MET A 209 2.24 -12.40 -6.36
C MET A 209 1.88 -13.41 -7.43
N TYR A 210 0.72 -14.03 -7.28
CA TYR A 210 0.14 -14.87 -8.32
C TYR A 210 -1.35 -14.57 -8.43
N MET A 211 -1.84 -14.53 -9.66
CA MET A 211 -3.25 -14.32 -9.95
C MET A 211 -3.80 -15.56 -10.62
N GLY A 212 -4.83 -16.15 -10.00
CA GLY A 212 -5.43 -17.35 -10.55
C GLY A 212 -6.02 -18.27 -9.51
N THR A 213 -5.38 -18.36 -8.34
CA THR A 213 -5.87 -19.23 -7.28
C THR A 213 -5.48 -18.64 -5.93
N LEU A 214 -6.30 -18.95 -4.92
CA LEU A 214 -6.06 -18.51 -3.56
C LEU A 214 -5.22 -19.48 -2.75
N SER A 215 -5.12 -20.73 -3.19
CA SER A 215 -4.46 -21.78 -2.42
C SER A 215 -2.97 -21.83 -2.75
N TYR A 216 -2.13 -21.59 -1.75
CA TYR A 216 -0.69 -21.74 -1.92
C TYR A 216 -0.33 -23.19 -2.22
N GLU A 217 -1.06 -24.15 -1.64
CA GLU A 217 -0.81 -25.55 -1.90
C GLU A 217 -1.08 -25.91 -3.35
N GLN A 218 -2.20 -25.41 -3.91
CA GLN A 218 -2.51 -25.68 -5.31
C GLN A 218 -1.42 -25.13 -6.22
N PHE A 219 -0.86 -23.97 -5.88
CA PHE A 219 0.25 -23.44 -6.65
C PHE A 219 1.48 -24.34 -6.57
N LYS A 220 1.69 -24.98 -5.42
CA LYS A 220 2.79 -25.93 -5.29
C LYS A 220 2.52 -27.20 -6.05
N LYS A 221 1.27 -27.66 -6.07
CA LYS A 221 0.90 -28.86 -6.80
C LYS A 221 0.82 -28.65 -8.30
N GLY A 222 0.68 -27.41 -8.75
CA GLY A 222 0.60 -27.14 -10.16
C GLY A 222 -0.78 -26.65 -10.57
N VAL A 223 -0.81 -25.84 -11.63
CA VAL A 223 -2.04 -25.30 -12.18
C VAL A 223 -1.99 -25.40 -13.70
N GLN A 224 -3.16 -25.42 -14.32
CA GLN A 224 -3.28 -25.57 -15.76
C GLN A 224 -3.18 -24.22 -16.44
N ILE A 225 -2.29 -24.13 -17.42
CA ILE A 225 -2.11 -22.91 -18.21
C ILE A 225 -2.03 -23.28 -19.68
N PRO A 226 -2.49 -22.43 -20.59
CA PRO A 226 -2.33 -22.72 -22.03
C PRO A 226 -0.88 -22.57 -22.45
N CYS A 227 -0.45 -23.43 -23.37
CA CYS A 227 0.89 -23.41 -23.90
C CYS A 227 0.91 -22.70 -25.26
N THR A 228 2.13 -22.39 -25.72
CA THR A 228 2.28 -21.74 -27.02
C THR A 228 1.73 -22.61 -28.14
N CYS A 229 1.80 -23.93 -28.00
CA CYS A 229 1.25 -24.86 -28.96
C CYS A 229 -0.24 -25.11 -28.76
N GLY A 230 -0.91 -24.28 -27.98
CA GLY A 230 -2.33 -24.47 -27.71
C GLY A 230 -2.58 -25.57 -26.69
N GLN A 232 -2.54 -27.68 -23.77
CA GLN A 232 -2.59 -27.20 -22.39
C GLN A 232 -1.44 -27.78 -21.58
N ALA A 233 -0.55 -26.92 -21.10
CA ALA A 233 0.58 -27.31 -20.28
C ALA A 233 0.24 -27.16 -18.81
N THR A 234 1.25 -27.39 -17.97
CA THR A 234 1.09 -27.31 -16.52
C THR A 234 2.31 -26.63 -15.91
N LYS A 235 2.09 -25.58 -15.13
CA LYS A 235 3.14 -24.89 -14.41
C LYS A 235 3.02 -25.22 -12.92
N TYR A 236 4.16 -25.33 -12.25
CA TYR A 236 4.21 -25.58 -10.82
C TYR A 236 5.38 -24.85 -10.21
N LEU A 237 5.34 -24.69 -8.89
CA LEU A 237 6.33 -23.92 -8.16
C LEU A 237 7.51 -24.81 -7.80
N VAL A 238 8.69 -24.49 -8.33
CA VAL A 238 9.89 -25.26 -8.01
C VAL A 238 10.54 -24.74 -6.74
N GLN A 239 10.77 -23.43 -6.67
CA GLN A 239 11.44 -22.82 -5.54
C GLN A 239 10.81 -21.47 -5.24
N GLN A 240 10.68 -21.15 -3.95
CA GLN A 240 10.12 -19.87 -3.52
C GLN A 240 11.01 -19.30 -2.42
N GLU A 241 11.52 -18.09 -2.64
CA GLU A 241 12.41 -17.41 -1.71
C GLU A 241 11.83 -16.03 -1.43
N SER A 242 10.98 -15.91 -0.42
CA SER A 242 10.35 -14.64 -0.09
C SER A 242 9.81 -14.72 1.32
N PRO A 243 9.75 -13.59 2.04
CA PRO A 243 9.14 -13.60 3.38
C PRO A 243 7.64 -13.81 3.37
N PHE A 244 6.98 -13.71 2.21
CA PHE A 244 5.54 -13.91 2.12
C PHE A 244 5.18 -14.15 0.66
N VAL A 245 3.93 -14.58 0.44
CA VAL A 245 3.36 -14.69 -0.89
C VAL A 245 1.93 -14.18 -0.84
N MET A 246 1.47 -13.64 -1.97
CA MET A 246 0.08 -13.13 -2.09
C MET A 246 -0.63 -13.92 -3.19
N MET A 247 -1.62 -14.71 -2.82
CA MET A 247 -2.42 -15.50 -3.75
C MET A 247 -3.74 -14.80 -3.99
N SER A 248 -4.06 -14.54 -5.26
CA SER A 248 -5.27 -13.81 -5.61
C SER A 248 -6.05 -14.57 -6.68
N ALA A 249 -7.36 -14.38 -6.65
CA ALA A 249 -8.27 -14.93 -7.64
C ALA A 249 -9.54 -14.08 -7.63
N PRO A 250 -10.32 -14.11 -8.71
CA PRO A 250 -11.58 -13.37 -8.69
C PRO A 250 -12.45 -13.83 -7.55
N PRO A 251 -13.25 -12.92 -6.97
CA PRO A 251 -14.01 -13.25 -5.76
C PRO A 251 -14.85 -14.50 -5.94
N ALA A 252 -14.74 -15.41 -4.98
CA ALA A 252 -15.50 -16.65 -4.98
C ALA A 252 -15.55 -17.20 -3.57
N GLN A 253 -16.53 -18.04 -3.31
CA GLN A 253 -16.68 -18.65 -1.99
C GLN A 253 -15.48 -19.52 -1.66
N TYR A 254 -14.97 -19.38 -0.45
CA TYR A 254 -13.73 -20.02 -0.04
C TYR A 254 -13.76 -20.23 1.47
N GLU A 255 -13.23 -21.37 1.91
CA GLU A 255 -13.16 -21.68 3.33
C GLU A 255 -11.76 -21.35 3.84
N LEU A 256 -11.69 -20.50 4.86
CA LEU A 256 -10.43 -20.11 5.47
C LEU A 256 -10.25 -20.90 6.77
N LYS A 257 -9.16 -21.66 6.85
CA LYS A 257 -8.87 -22.50 8.01
C LYS A 257 -7.88 -21.81 8.92
N HIS A 258 -8.19 -21.81 10.22
CA HIS A 258 -7.33 -21.17 11.21
C HIS A 258 -5.95 -21.81 11.23
N GLY A 259 -4.91 -20.97 11.20
CA GLY A 259 -3.54 -21.42 11.25
C GLY A 259 -2.93 -21.77 9.91
N THR A 260 -3.70 -21.77 8.83
CA THR A 260 -3.21 -22.12 7.51
C THR A 260 -2.92 -20.89 6.64
N PHE A 261 -3.13 -19.69 7.17
CA PHE A 261 -2.91 -18.47 6.41
C PHE A 261 -2.69 -17.32 7.39
N THR A 262 -2.11 -16.23 6.89
CA THR A 262 -1.89 -15.05 7.71
C THR A 262 -3.13 -14.15 7.74
N CYS A 263 -3.55 -13.67 6.58
CA CYS A 263 -4.72 -12.79 6.48
C CYS A 263 -5.27 -12.88 5.08
N ALA A 264 -6.49 -12.37 4.90
CA ALA A 264 -7.19 -12.51 3.64
C ALA A 264 -8.11 -11.32 3.40
N SER A 265 -8.40 -11.07 2.12
CA SER A 265 -9.29 -10.00 1.70
C SER A 265 -10.64 -10.60 1.29
N GLU A 266 -11.70 -10.18 1.97
CA GLU A 266 -13.06 -10.53 1.58
C GLU A 266 -13.65 -9.39 0.76
N TYR A 267 -14.34 -9.74 -0.33
CA TYR A 267 -14.95 -8.76 -1.22
C TYR A 267 -16.37 -9.20 -1.52
N THR A 268 -17.34 -8.38 -1.11
CA THR A 268 -18.75 -8.62 -1.39
C THR A 268 -19.31 -7.47 -2.23
N GLY A 269 -20.26 -7.81 -3.09
CA GLY A 269 -20.92 -6.83 -3.92
C GLY A 269 -20.51 -6.92 -5.37
N ASN A 270 -20.85 -5.86 -6.12
CA ASN A 270 -20.59 -5.84 -7.54
C ASN A 270 -19.15 -5.43 -7.83
N TYR A 271 -18.73 -5.71 -9.07
CA TYR A 271 -17.41 -5.30 -9.55
C TYR A 271 -17.20 -3.81 -9.33
N GLN A 272 -16.07 -3.48 -8.69
CA GLN A 272 -15.57 -2.12 -8.50
C GLN A 272 -16.26 -1.34 -7.38
N CYS A 273 -17.59 -1.44 -7.26
CA CYS A 273 -18.31 -0.69 -6.24
C CYS A 273 -18.79 -1.57 -5.09
N GLY A 274 -18.05 -2.64 -4.80
CA GLY A 274 -18.36 -3.51 -3.67
C GLY A 274 -17.80 -2.98 -2.36
N HIS A 275 -17.49 -3.90 -1.45
CA HIS A 275 -16.96 -3.54 -0.15
C HIS A 275 -15.99 -4.62 0.33
N TYR A 276 -14.86 -4.18 0.89
CA TYR A 276 -13.81 -5.06 1.39
C TYR A 276 -13.96 -5.29 2.88
N LYS A 277 -13.63 -6.50 3.32
CA LYS A 277 -13.43 -6.81 4.73
C LYS A 277 -12.12 -7.57 4.87
N HIS A 278 -11.58 -7.56 6.09
CA HIS A 278 -10.28 -8.15 6.37
C HIS A 278 -10.44 -9.31 7.34
N ILE A 279 -9.92 -10.48 6.96
CA ILE A 279 -9.90 -11.66 7.81
C ILE A 279 -8.46 -11.92 8.21
N THR A 280 -8.22 -12.07 9.51
CA THR A 280 -6.88 -12.36 10.02
C THR A 280 -6.93 -13.56 10.96
N SER A 281 -5.88 -14.38 10.90
CA SER A 281 -5.81 -15.61 11.67
C SER A 281 -4.87 -15.39 12.86
N LYS A 282 -5.45 -15.28 14.04
CA LYS A 282 -4.72 -15.18 15.31
C LYS A 282 -4.91 -16.49 16.07
N GLU A 283 -5.19 -16.47 17.39
CA GLU A 283 -5.63 -17.68 18.10
C GLU A 283 -6.99 -18.15 17.60
N THR A 284 -7.76 -17.28 16.97
CA THR A 284 -8.97 -17.65 16.25
C THR A 284 -9.12 -16.67 15.09
N LEU A 285 -10.03 -17.00 14.17
CA LEU A 285 -10.23 -16.17 13.00
C LEU A 285 -10.98 -14.90 13.37
N TYR A 286 -10.42 -13.76 12.98
CA TYR A 286 -11.02 -12.45 13.23
C TYR A 286 -11.42 -11.79 11.93
N CYS A 287 -12.53 -11.05 11.96
CA CYS A 287 -13.00 -10.28 10.82
C CYS A 287 -13.04 -8.81 11.21
N ILE A 288 -12.28 -7.98 10.51
CA ILE A 288 -12.18 -6.55 10.78
C ILE A 288 -12.86 -5.81 9.64
N ASP A 289 -13.98 -5.16 9.93
CA ASP A 289 -14.72 -4.37 8.96
C ASP A 289 -14.67 -2.92 9.41
N GLY A 290 -13.58 -2.24 9.05
CA GLY A 290 -13.36 -0.87 9.49
C GLY A 290 -13.14 -0.78 10.98
N ALA A 291 -14.14 -0.31 11.70
CA ALA A 291 -14.11 -0.25 13.15
C ALA A 291 -14.81 -1.43 13.81
N LEU A 292 -15.38 -2.33 13.03
CA LEU A 292 -16.15 -3.45 13.54
C LEU A 292 -15.28 -4.71 13.60
N LEU A 293 -15.48 -5.51 14.64
CA LEU A 293 -14.69 -6.71 14.87
C LEU A 293 -15.61 -7.87 15.23
N THR A 294 -15.48 -8.97 14.49
CA THR A 294 -16.16 -10.22 14.80
C THR A 294 -15.16 -11.36 14.69
N LYS A 295 -15.45 -12.46 15.39
CA LYS A 295 -14.54 -13.60 15.41
C LYS A 295 -15.32 -14.90 15.35
N SER A 296 -14.68 -15.93 14.82
CA SER A 296 -15.26 -17.25 14.71
C SER A 296 -14.13 -18.26 14.51
N SER A 297 -14.46 -19.54 14.73
CA SER A 297 -13.45 -20.58 14.57
C SER A 297 -13.27 -20.98 13.11
N GLU A 298 -14.33 -20.94 12.33
CA GLU A 298 -14.27 -21.23 10.89
C GLU A 298 -14.79 -20.01 10.12
N TYR A 299 -14.52 -20.01 8.82
CA TYR A 299 -14.99 -18.93 7.96
C TYR A 299 -15.25 -19.44 6.55
N LYS A 300 -16.38 -19.03 6.01
CA LYS A 300 -16.70 -19.31 4.60
C LYS A 300 -17.26 -18.01 4.03
N GLY A 301 -16.74 -17.57 2.88
CA GLY A 301 -17.15 -16.32 2.27
C GLY A 301 -16.39 -16.02 1.00
N PRO A 302 -16.76 -14.94 0.32
CA PRO A 302 -16.10 -14.56 -0.94
C PRO A 302 -14.74 -13.95 -0.68
N ILE A 303 -13.70 -14.68 -1.02
CA ILE A 303 -12.32 -14.26 -0.79
C ILE A 303 -11.66 -14.00 -2.14
N THR A 304 -10.84 -12.94 -2.20
CA THR A 304 -10.13 -12.59 -3.42
C THR A 304 -8.61 -12.47 -3.23
N ASP A 305 -8.12 -12.30 -2.01
CA ASP A 305 -6.69 -12.31 -1.72
C ASP A 305 -6.45 -13.12 -0.46
N VAL A 306 -5.36 -13.90 -0.45
CA VAL A 306 -4.91 -14.60 0.74
C VAL A 306 -3.40 -14.42 0.86
N PHE A 307 -2.93 -14.13 2.07
CA PHE A 307 -1.52 -13.90 2.34
C PHE A 307 -0.97 -15.02 3.20
N TYR A 308 0.21 -15.51 2.83
CA TYR A 308 0.86 -16.60 3.54
C TYR A 308 2.28 -16.21 3.93
N LYS A 309 2.78 -16.82 4.99
CA LYS A 309 4.16 -16.65 5.39
C LYS A 309 5.06 -17.62 4.64
N GLU A 310 6.31 -17.22 4.46
CA GLU A 310 7.27 -18.02 3.69
C GLU A 310 8.67 -17.58 4.08
N ASN A 311 9.64 -18.45 3.77
CA ASN A 311 11.05 -18.12 3.96
C ASN A 311 11.86 -18.75 2.83
N SER A 312 12.03 -20.07 2.88
CA SER A 312 12.69 -20.81 1.81
C SER A 312 11.90 -22.09 1.56
N TYR A 313 11.58 -22.34 0.29
CA TYR A 313 10.79 -23.51 -0.09
C TYR A 313 11.37 -24.11 -1.35
N THR A 314 11.56 -25.43 -1.35
CA THR A 314 12.00 -26.17 -2.52
C THR A 314 11.09 -27.38 -2.69
N THR A 315 10.66 -27.61 -3.93
CA THR A 315 9.72 -28.69 -4.20
C THR A 315 10.41 -30.05 -4.08
N THR A 316 9.64 -31.11 -4.27
CA THR A 316 10.12 -32.48 -4.19
C THR A 316 9.78 -33.26 -5.45
N ILE A 317 9.83 -32.60 -6.60
CA ILE A 317 9.53 -33.25 -7.87
C ILE A 317 10.81 -33.67 -8.58
#